data_2O0S
#
_entry.id   2O0S
#
_entity_poly.entity_id   1
_entity_poly.type   'polypeptide(L)'
_entity_poly.pdbx_seq_one_letter_code
;YVLWKRKRMIFI
;
_entity_poly.pdbx_strand_id   A
#
# COMPACT_ATOMS: atom_id res chain seq x y z
N TYR A 1 8.12 -0.96 5.75
CA TYR A 1 6.81 -1.01 5.10
C TYR A 1 6.94 -1.53 3.67
N VAL A 2 5.81 -1.91 3.08
CA VAL A 2 5.79 -2.41 1.71
C VAL A 2 6.29 -1.36 0.73
N LEU A 3 5.76 -1.38 -0.48
CA LEU A 3 6.15 -0.43 -1.51
C LEU A 3 4.92 0.27 -2.09
N TRP A 4 3.78 -0.39 -2.02
CA TRP A 4 2.54 0.18 -2.54
C TRP A 4 1.51 0.35 -1.43
N LYS A 5 1.99 0.67 -0.23
CA LYS A 5 1.13 0.87 0.92
C LYS A 5 0.44 2.24 0.85
N ARG A 6 0.99 3.13 0.04
CA ARG A 6 0.43 4.47 -0.12
C ARG A 6 -1.10 4.41 -0.28
N LYS A 7 -1.54 3.95 -1.44
CA LYS A 7 -2.97 3.83 -1.72
C LYS A 7 -3.24 2.72 -2.72
N ARG A 8 -2.28 2.48 -3.61
CA ARG A 8 -2.42 1.43 -4.62
C ARG A 8 -2.98 0.15 -4.00
N MET A 9 -2.66 -0.07 -2.73
CA MET A 9 -3.12 -1.25 -2.02
C MET A 9 -3.70 -0.88 -0.66
N ILE A 10 -4.35 0.27 -0.58
CA ILE A 10 -4.95 0.74 0.67
C ILE A 10 -5.23 -0.43 1.61
N PHE A 11 -6.12 -1.33 1.19
CA PHE A 11 -6.48 -2.48 1.99
C PHE A 11 -5.23 -3.10 2.63
N ILE A 12 -4.24 -3.41 1.79
CA ILE A 12 -3.01 -4.02 2.27
C ILE A 12 -1.84 -3.66 1.37
N TYR A 1 8.23 -0.90 5.71
CA TYR A 1 6.92 -0.96 5.07
C TYR A 1 7.02 -1.49 3.65
N VAL A 2 5.88 -1.87 3.08
CA VAL A 2 5.85 -2.39 1.72
C VAL A 2 6.34 -1.35 0.73
N LEU A 3 5.79 -1.39 -0.49
CA LEU A 3 6.17 -0.45 -1.53
C LEU A 3 4.94 0.26 -2.10
N TRP A 4 3.78 -0.40 -2.01
CA TRP A 4 2.54 0.17 -2.52
C TRP A 4 1.54 0.37 -1.40
N LYS A 5 2.04 0.70 -0.21
CA LYS A 5 1.18 0.92 0.95
C LYS A 5 0.48 2.27 0.87
N ARG A 6 1.02 3.15 0.03
CA ARG A 6 0.46 4.49 -0.14
C ARG A 6 -1.07 4.42 -0.28
N LYS A 7 -1.52 3.94 -1.44
CA LYS A 7 -2.95 3.82 -1.70
C LYS A 7 -3.22 2.70 -2.69
N ARG A 8 -2.28 2.47 -3.60
CA ARG A 8 -2.42 1.42 -4.60
C ARG A 8 -2.98 0.14 -3.98
N MET A 9 -2.65 -0.09 -2.71
CA MET A 9 -3.12 -1.27 -2.00
C MET A 9 -3.71 -0.89 -0.65
N ILE A 10 -4.37 0.25 -0.58
CA ILE A 10 -4.97 0.73 0.66
C ILE A 10 -5.29 -0.44 1.58
N PHE A 11 -6.17 -1.32 1.13
CA PHE A 11 -6.56 -2.48 1.93
C PHE A 11 -5.35 -3.13 2.58
N ILE A 12 -4.34 -3.44 1.78
CA ILE A 12 -3.12 -4.07 2.28
C ILE A 12 -1.93 -3.71 1.41
N TYR A 1 8.12 -0.96 5.75
CA TYR A 1 6.81 -1.01 5.09
C TYR A 1 6.94 -1.52 3.67
N VAL A 2 5.81 -1.91 3.08
CA VAL A 2 5.80 -2.41 1.71
C VAL A 2 6.29 -1.36 0.73
N LEU A 3 5.76 -1.38 -0.48
CA LEU A 3 6.15 -0.42 -1.52
C LEU A 3 4.92 0.28 -2.09
N TRP A 4 3.78 -0.39 -2.02
CA TRP A 4 2.54 0.18 -2.54
C TRP A 4 1.51 0.35 -1.43
N LYS A 5 1.99 0.67 -0.23
CA LYS A 5 1.12 0.87 0.91
C LYS A 5 0.42 2.24 0.85
N ARG A 6 0.98 3.13 0.04
CA ARG A 6 0.42 4.47 -0.12
C ARG A 6 -1.09 4.40 -0.28
N LYS A 7 -1.54 3.95 -1.45
CA LYS A 7 -2.97 3.84 -1.73
C LYS A 7 -3.24 2.71 -2.73
N ARG A 8 -2.28 2.48 -3.61
CA ARG A 8 -2.43 1.43 -4.62
C ARG A 8 -2.97 0.15 -3.99
N MET A 9 -2.65 -0.06 -2.73
CA MET A 9 -3.11 -1.25 -2.02
C MET A 9 -3.68 -0.88 -0.64
N ILE A 10 -4.34 0.27 -0.57
CA ILE A 10 -4.93 0.75 0.68
C ILE A 10 -5.22 -0.41 1.61
N PHE A 11 -6.11 -1.31 1.18
CA PHE A 11 -6.47 -2.47 1.98
C PHE A 11 -5.24 -3.11 2.62
N ILE A 12 -4.25 -3.42 1.79
CA ILE A 12 -3.02 -4.03 2.27
C ILE A 12 -1.84 -3.67 1.37
N TYR A 1 8.56 -0.75 5.46
CA TYR A 1 7.22 -0.86 4.90
C TYR A 1 7.27 -1.37 3.45
N VAL A 2 6.13 -1.80 2.95
CA VAL A 2 6.03 -2.31 1.59
C VAL A 2 6.44 -1.25 0.57
N LEU A 3 5.83 -1.30 -0.60
CA LEU A 3 6.12 -0.34 -1.66
C LEU A 3 4.85 0.32 -2.17
N TRP A 4 3.72 -0.37 -2.02
CA TRP A 4 2.44 0.15 -2.46
C TRP A 4 1.48 0.30 -1.28
N LYS A 5 2.03 0.66 -0.13
CA LYS A 5 1.22 0.85 1.07
C LYS A 5 0.51 2.19 1.06
N ARG A 6 1.01 3.11 0.24
CA ARG A 6 0.43 4.45 0.12
C ARG A 6 -1.07 4.36 -0.14
N LYS A 7 -1.42 3.92 -1.34
CA LYS A 7 -2.83 3.78 -1.73
C LYS A 7 -3.01 2.64 -2.71
N ARG A 8 -1.98 2.36 -3.50
CA ARG A 8 -2.03 1.29 -4.49
C ARG A 8 -2.68 0.04 -3.90
N MET A 9 -2.49 -0.16 -2.61
CA MET A 9 -3.05 -1.32 -1.92
C MET A 9 -3.76 -0.90 -0.64
N ILE A 10 -4.40 0.26 -0.68
CA ILE A 10 -5.13 0.77 0.48
C ILE A 10 -5.56 -0.36 1.41
N PHE A 11 -6.40 -1.26 0.89
CA PHE A 11 -6.88 -2.38 1.66
C PHE A 11 -5.75 -3.02 2.46
N ILE A 12 -4.67 -3.37 1.77
CA ILE A 12 -3.52 -4.00 2.41
C ILE A 12 -2.23 -3.70 1.64
N TYR A 1 8.62 -0.72 5.44
CA TYR A 1 7.27 -0.83 4.88
C TYR A 1 7.33 -1.35 3.44
N VAL A 2 6.17 -1.78 2.93
CA VAL A 2 6.08 -2.30 1.57
C VAL A 2 6.47 -1.24 0.56
N LEU A 3 5.85 -1.29 -0.61
CA LEU A 3 6.14 -0.33 -1.68
C LEU A 3 4.85 0.32 -2.18
N TRP A 4 3.74 -0.39 -2.01
CA TRP A 4 2.44 0.13 -2.45
C TRP A 4 1.49 0.28 -1.27
N LYS A 5 2.05 0.65 -0.11
CA LYS A 5 1.25 0.83 1.09
C LYS A 5 0.53 2.18 1.08
N ARG A 6 1.03 3.10 0.26
CA ARG A 6 0.45 4.43 0.15
C ARG A 6 -1.05 4.34 -0.12
N LYS A 7 -1.41 3.90 -1.32
CA LYS A 7 -2.81 3.77 -1.69
C LYS A 7 -3.00 2.63 -2.69
N ARG A 8 -1.96 2.35 -3.48
CA ARG A 8 -2.01 1.28 -4.47
C ARG A 8 -2.67 0.03 -3.88
N MET A 9 -2.47 -0.18 -2.59
CA MET A 9 -3.04 -1.34 -1.90
C MET A 9 -3.77 -0.92 -0.64
N ILE A 10 -4.42 0.24 -0.68
CA ILE A 10 -5.16 0.75 0.46
C ILE A 10 -5.60 -0.38 1.38
N PHE A 11 -6.42 -1.28 0.86
CA PHE A 11 -6.92 -2.41 1.63
C PHE A 11 -5.80 -3.05 2.44
N ILE A 12 -4.71 -3.39 1.76
CA ILE A 12 -3.56 -4.02 2.42
C ILE A 12 -2.27 -3.70 1.68
N TYR A 1 8.61 -0.72 5.43
CA TYR A 1 7.27 -0.83 4.88
C TYR A 1 7.32 -1.34 3.44
N VAL A 2 6.17 -1.78 2.94
CA VAL A 2 6.08 -2.30 1.57
C VAL A 2 6.47 -1.24 0.56
N LEU A 3 5.85 -1.30 -0.62
CA LEU A 3 6.13 -0.33 -1.68
C LEU A 3 4.84 0.32 -2.18
N TRP A 4 3.73 -0.38 -2.02
CA TRP A 4 2.44 0.13 -2.46
C TRP A 4 1.49 0.28 -1.27
N LYS A 5 2.04 0.65 -0.12
CA LYS A 5 1.24 0.83 1.09
C LYS A 5 0.53 2.18 1.07
N ARG A 6 1.04 3.10 0.25
CA ARG A 6 0.45 4.43 0.15
C ARG A 6 -1.05 4.34 -0.12
N LYS A 7 -1.41 3.91 -1.32
CA LYS A 7 -2.81 3.77 -1.71
C LYS A 7 -3.00 2.63 -2.69
N ARG A 8 -1.96 2.35 -3.48
CA ARG A 8 -2.01 1.29 -4.47
C ARG A 8 -2.67 0.04 -3.89
N MET A 9 -2.47 -0.17 -2.59
CA MET A 9 -3.04 -1.33 -1.91
C MET A 9 -3.77 -0.91 -0.64
N ILE A 10 -4.43 0.25 -0.69
CA ILE A 10 -5.16 0.76 0.46
C ILE A 10 -5.60 -0.37 1.38
N PHE A 11 -6.43 -1.27 0.85
CA PHE A 11 -6.93 -2.40 1.62
C PHE A 11 -5.81 -3.04 2.43
N ILE A 12 -4.71 -3.38 1.76
CA ILE A 12 -3.57 -4.01 2.42
C ILE A 12 -2.27 -3.69 1.68
N TYR A 1 8.52 -0.80 5.52
CA TYR A 1 7.19 -0.89 4.94
C TYR A 1 7.25 -1.41 3.51
N VAL A 2 6.11 -1.82 2.98
CA VAL A 2 6.03 -2.33 1.61
C VAL A 2 6.46 -1.27 0.61
N LEU A 3 5.85 -1.31 -0.58
CA LEU A 3 6.17 -0.35 -1.63
C LEU A 3 4.91 0.32 -2.15
N TRP A 4 3.78 -0.37 -2.02
CA TRP A 4 2.49 0.16 -2.47
C TRP A 4 1.52 0.31 -1.31
N LYS A 5 2.06 0.64 -0.13
CA LYS A 5 1.24 0.81 1.06
C LYS A 5 0.49 2.14 1.01
N ARG A 6 0.99 3.06 0.20
CA ARG A 6 0.36 4.38 0.07
C ARG A 6 -1.14 4.25 -0.16
N LYS A 7 -1.52 3.97 -1.41
CA LYS A 7 -2.92 3.83 -1.76
C LYS A 7 -3.11 2.68 -2.75
N ARG A 8 -2.09 2.42 -3.55
CA ARG A 8 -2.14 1.35 -4.54
C ARG A 8 -2.76 0.09 -3.94
N MET A 9 -2.54 -0.11 -2.64
CA MET A 9 -3.08 -1.27 -1.95
C MET A 9 -3.77 -0.86 -0.65
N ILE A 10 -4.42 0.30 -0.68
CA ILE A 10 -5.13 0.80 0.49
C ILE A 10 -5.52 -0.35 1.44
N PHE A 11 -6.36 -1.25 0.94
CA PHE A 11 -6.81 -2.39 1.72
C PHE A 11 -5.66 -3.00 2.50
N ILE A 12 -4.59 -3.34 1.78
CA ILE A 12 -3.42 -3.95 2.39
C ILE A 12 -2.15 -3.62 1.60
N TYR A 1 8.30 -1.12 5.57
CA TYR A 1 6.99 -1.15 4.93
C TYR A 1 7.11 -1.60 3.48
N VAL A 2 5.98 -1.95 2.88
CA VAL A 2 5.95 -2.40 1.49
C VAL A 2 6.46 -1.29 0.55
N LEU A 3 5.91 -1.27 -0.65
CA LEU A 3 6.31 -0.27 -1.65
C LEU A 3 5.09 0.49 -2.17
N TRP A 4 3.93 -0.16 -2.11
CA TRP A 4 2.69 0.45 -2.58
C TRP A 4 1.68 0.58 -1.45
N LYS A 5 2.19 0.80 -0.24
CA LYS A 5 1.34 0.94 0.94
C LYS A 5 0.56 2.25 0.88
N ARG A 6 1.04 3.19 0.07
CA ARG A 6 0.38 4.48 -0.07
C ARG A 6 -1.13 4.31 -0.24
N LYS A 7 -1.54 3.99 -1.47
CA LYS A 7 -2.96 3.81 -1.77
C LYS A 7 -3.17 2.62 -2.70
N ARG A 8 -2.16 2.35 -3.53
CA ARG A 8 -2.23 1.25 -4.48
C ARG A 8 -2.75 -0.02 -3.81
N MET A 9 -2.48 -0.15 -2.52
CA MET A 9 -2.92 -1.31 -1.76
C MET A 9 -3.73 -0.89 -0.54
N ILE A 10 -4.49 0.20 -0.69
CA ILE A 10 -5.32 0.70 0.40
C ILE A 10 -5.72 -0.42 1.36
N PHE A 11 -6.38 -1.44 0.81
CA PHE A 11 -6.82 -2.58 1.62
C PHE A 11 -5.70 -3.08 2.51
N ILE A 12 -4.55 -3.39 1.90
CA ILE A 12 -3.40 -3.89 2.64
C ILE A 12 -2.09 -3.54 1.92
N TYR A 1 8.43 -0.86 5.57
CA TYR A 1 7.10 -0.95 4.98
C TYR A 1 7.18 -1.44 3.53
N VAL A 2 6.04 -1.86 2.99
CA VAL A 2 5.99 -2.36 1.62
C VAL A 2 6.42 -1.29 0.63
N LEU A 3 5.83 -1.32 -0.56
CA LEU A 3 6.16 -0.36 -1.61
C LEU A 3 4.90 0.33 -2.13
N TRP A 4 3.77 -0.37 -2.01
CA TRP A 4 2.50 0.17 -2.48
C TRP A 4 1.51 0.31 -1.33
N LYS A 5 2.03 0.63 -0.15
CA LYS A 5 1.19 0.79 1.04
C LYS A 5 0.45 2.12 1.00
N ARG A 6 0.96 3.05 0.20
CA ARG A 6 0.34 4.37 0.07
C ARG A 6 -1.16 4.24 -0.17
N LYS A 7 -1.53 3.98 -1.42
CA LYS A 7 -2.94 3.83 -1.79
C LYS A 7 -3.13 2.68 -2.77
N ARG A 8 -2.10 2.42 -3.57
CA ARG A 8 -2.16 1.35 -4.56
C ARG A 8 -2.75 0.09 -3.95
N MET A 9 -2.55 -0.09 -2.65
CA MET A 9 -3.07 -1.27 -1.96
C MET A 9 -3.73 -0.86 -0.64
N ILE A 10 -4.38 0.29 -0.63
CA ILE A 10 -5.05 0.79 0.56
C ILE A 10 -5.43 -0.35 1.50
N PHE A 11 -6.28 -1.25 1.02
CA PHE A 11 -6.72 -2.39 1.81
C PHE A 11 -5.54 -3.03 2.55
N ILE A 12 -4.49 -3.36 1.80
CA ILE A 12 -3.30 -3.97 2.38
C ILE A 12 -2.06 -3.64 1.56
#